data_1ZW1
#
_entry.id   1ZW1
#
_cell.length_a   131.266
_cell.length_b   131.266
_cell.length_c   82.897
_cell.angle_alpha   90.00
_cell.angle_beta   90.00
_cell.angle_gamma   90.00
#
_symmetry.space_group_name_H-M   'P 43 21 2'
#
loop_
_entity.id
_entity.type
_entity.pdbx_description
1 polymer 'enoyl-acyl carrier reductase'
2 non-polymer NICOTINAMIDE-ADENINE-DINUCLEOTIDE
3 non-polymer 2-(4-AMINO-2-CHLOROPHENOXY)-5-CHLOROPHENOL
#
_entity_poly.entity_id   1
_entity_poly.type   'polypeptide(L)'
_entity_poly.pdbx_seq_one_letter_code
;EDICFIAGIGDTNGYGWGIAKELSKRNVKIIFGIWPPVYNIFMKNYKNGKFDNDMIIDKDKKMNILDMLPFDASFDTAND
IDEETKNNKRYNMLQNYTIEDVANLIHQKYGKINMLVHSLANAKEVQKDLLNTSRKGYLDALSKSSYSLISLCKYFVNIM
KPQSSIISLTYHASQKVVPGYGGGMSSAKAALESDTRVLAYHLGRNYNIRINTISAGPLKSRAATAINKLNNTYENNTNQ
NKNRNSHDVHNIMNNSGEKEEKKNSASQNYTFIDYAIEYSEKYAPLRQKLLSTDIGSVASFLLSRESRAITGQTIYVDNG
LNIMFLPDDIYRNENE
;
_entity_poly.pdbx_strand_id   A,B
#
# COMPACT_ATOMS: atom_id res chain seq x y z
N GLU A 1 8.71 16.02 -16.92
CA GLU A 1 10.02 15.63 -16.34
C GLU A 1 9.91 15.32 -14.85
N ASP A 2 10.07 14.04 -14.50
CA ASP A 2 10.03 13.60 -13.11
C ASP A 2 11.43 13.14 -12.72
N ILE A 3 12.01 13.80 -11.72
CA ILE A 3 13.33 13.43 -11.26
C ILE A 3 13.21 12.75 -9.91
N CYS A 4 13.74 11.54 -9.80
CA CYS A 4 13.71 10.82 -8.54
C CYS A 4 15.12 10.63 -8.07
N PHE A 5 15.36 10.96 -6.80
CA PHE A 5 16.68 10.78 -6.24
C PHE A 5 16.63 9.50 -5.45
N ILE A 6 17.50 8.57 -5.79
CA ILE A 6 17.57 7.30 -5.08
C ILE A 6 18.91 7.24 -4.36
N ALA A 7 18.87 7.41 -3.03
CA ALA A 7 20.07 7.40 -2.20
C ALA A 7 20.30 6.05 -1.57
N GLY A 8 21.30 5.33 -2.04
CA GLY A 8 21.60 4.02 -1.48
C GLY A 8 21.67 2.94 -2.53
N ILE A 9 22.82 2.85 -3.20
CA ILE A 9 23.02 1.86 -4.24
C ILE A 9 24.50 1.53 -4.33
N GLY A 10 24.82 0.33 -4.80
CA GLY A 10 26.21 -0.08 -4.94
C GLY A 10 26.39 -0.88 -6.22
N ASP A 11 25.41 -1.74 -6.49
CA ASP A 11 25.43 -2.56 -7.68
C ASP A 11 24.03 -2.55 -8.26
N THR A 12 23.63 -3.66 -8.86
CA THR A 12 22.31 -3.77 -9.44
C THR A 12 21.62 -4.95 -8.74
N ASN A 13 22.19 -5.34 -7.61
CA ASN A 13 21.70 -6.45 -6.82
C ASN A 13 20.80 -6.05 -5.65
N GLY A 14 20.55 -4.76 -5.48
CA GLY A 14 19.72 -4.30 -4.37
C GLY A 14 18.35 -3.75 -4.71
N TYR A 15 17.69 -3.17 -3.71
CA TYR A 15 16.35 -2.61 -3.90
C TYR A 15 16.33 -1.30 -4.67
N GLY A 16 17.31 -0.43 -4.43
CA GLY A 16 17.33 0.82 -5.17
C GLY A 16 17.26 0.56 -6.66
N TRP A 17 18.03 -0.40 -7.15
CA TRP A 17 18.02 -0.71 -8.58
C TRP A 17 16.65 -1.25 -9.00
N GLY A 18 16.09 -2.13 -8.19
CA GLY A 18 14.78 -2.65 -8.52
C GLY A 18 13.79 -1.51 -8.48
N ILE A 19 14.07 -0.51 -7.65
CA ILE A 19 13.22 0.66 -7.53
C ILE A 19 13.33 1.48 -8.80
N ALA A 20 14.56 1.80 -9.19
CA ALA A 20 14.80 2.60 -10.39
C ALA A 20 14.19 2.00 -11.65
N LYS A 21 14.35 0.69 -11.85
CA LYS A 21 13.81 0.03 -13.03
C LYS A 21 12.32 0.26 -13.17
N GLU A 22 11.56 -0.11 -12.14
CA GLU A 22 10.11 0.07 -12.17
C GLU A 22 9.68 1.50 -12.47
N LEU A 23 10.41 2.47 -11.90
CA LEU A 23 10.10 3.88 -12.12
C LEU A 23 10.29 4.27 -13.59
N SER A 24 11.32 3.73 -14.22
CA SER A 24 11.57 4.06 -15.62
C SER A 24 10.37 3.74 -16.50
N LYS A 25 9.61 2.70 -16.19
CA LYS A 25 8.43 2.37 -16.96
C LYS A 25 7.54 3.63 -17.00
N ARG A 26 7.75 4.54 -16.06
CA ARG A 26 6.98 5.79 -15.96
C ARG A 26 7.83 6.91 -16.49
N ASN A 27 8.94 6.55 -17.13
CA ASN A 27 9.86 7.51 -17.70
C ASN A 27 10.34 8.58 -16.74
N VAL A 28 10.60 8.21 -15.48
CA VAL A 28 11.09 9.20 -14.53
C VAL A 28 12.62 9.18 -14.63
N LYS A 29 13.23 10.37 -14.59
CA LYS A 29 14.68 10.48 -14.66
C LYS A 29 15.20 9.96 -13.33
N ILE A 30 16.37 9.32 -13.35
CA ILE A 30 16.93 8.76 -12.12
C ILE A 30 18.29 9.34 -11.75
N ILE A 31 18.44 9.81 -10.50
CA ILE A 31 19.73 10.31 -10.03
C ILE A 31 20.14 9.37 -8.90
N PHE A 32 21.37 8.86 -8.94
CA PHE A 32 21.84 7.92 -7.93
C PHE A 32 22.79 8.50 -6.92
N GLY A 33 22.46 8.36 -5.64
CA GLY A 33 23.35 8.82 -4.58
C GLY A 33 24.16 7.58 -4.22
N ILE A 34 25.49 7.63 -4.41
CA ILE A 34 26.35 6.49 -4.12
C ILE A 34 27.37 6.80 -3.03
N TRP A 35 27.58 5.82 -2.15
CA TRP A 35 28.52 5.94 -1.05
C TRP A 35 29.90 6.19 -1.67
N PRO A 36 30.60 7.24 -1.21
CA PRO A 36 31.92 7.55 -1.77
C PRO A 36 32.82 6.32 -1.98
N PRO A 37 33.01 5.49 -0.94
CA PRO A 37 33.85 4.29 -1.02
C PRO A 37 33.65 3.36 -2.23
N VAL A 38 32.45 3.32 -2.79
CA VAL A 38 32.22 2.47 -3.94
C VAL A 38 31.77 3.23 -5.16
N TYR A 39 31.82 4.56 -5.07
CA TYR A 39 31.40 5.43 -6.16
C TYR A 39 32.12 5.15 -7.47
N ASN A 40 33.42 5.43 -7.48
CA ASN A 40 34.23 5.22 -8.66
C ASN A 40 34.20 3.77 -9.09
N ILE A 41 34.30 2.86 -8.12
CA ILE A 41 34.27 1.43 -8.45
C ILE A 41 32.91 1.10 -9.09
N PHE A 42 31.90 1.87 -8.71
CA PHE A 42 30.54 1.70 -9.25
C PHE A 42 30.56 2.34 -10.64
N MET A 43 31.07 3.57 -10.70
CA MET A 43 31.16 4.31 -11.96
C MET A 43 31.92 3.50 -13.00
N LYS A 44 32.96 2.82 -12.55
CA LYS A 44 33.78 2.01 -13.45
C LYS A 44 32.92 0.89 -14.03
N ASN A 45 32.30 0.10 -13.16
CA ASN A 45 31.44 -0.98 -13.64
C ASN A 45 30.45 -0.45 -14.65
N TYR A 46 30.02 0.80 -14.42
CA TYR A 46 29.04 1.44 -15.28
C TYR A 46 29.59 1.75 -16.67
N LYS A 47 30.80 2.29 -16.71
CA LYS A 47 31.44 2.67 -17.95
C LYS A 47 31.78 1.45 -18.84
N ASN A 48 32.16 0.34 -18.21
CA ASN A 48 32.52 -0.88 -18.95
C ASN A 48 31.30 -1.60 -19.55
N GLY A 49 30.10 -1.28 -19.08
CA GLY A 49 28.91 -1.90 -19.60
C GLY A 49 28.39 -3.09 -18.81
N LYS A 50 28.79 -3.19 -17.55
CA LYS A 50 28.36 -4.30 -16.70
C LYS A 50 26.89 -4.17 -16.32
N PHE A 51 26.32 -2.98 -16.53
CA PHE A 51 24.93 -2.73 -16.18
C PHE A 51 24.03 -2.56 -17.40
N ASP A 52 24.62 -2.58 -18.59
CA ASP A 52 23.84 -2.42 -19.81
C ASP A 52 22.69 -3.40 -19.90
N ASN A 53 22.95 -4.68 -19.66
CA ASN A 53 21.88 -5.68 -19.69
C ASN A 53 20.90 -5.42 -18.54
N ASP A 54 21.43 -5.02 -17.39
CA ASP A 54 20.62 -4.76 -16.21
C ASP A 54 19.81 -3.47 -16.31
N MET A 55 19.98 -2.73 -17.41
CA MET A 55 19.27 -1.48 -17.58
C MET A 55 18.18 -1.47 -18.63
N ILE A 56 18.06 -2.54 -19.40
CA ILE A 56 17.04 -2.61 -20.46
C ILE A 56 15.60 -2.75 -19.96
N ILE A 57 15.06 -1.68 -19.36
CA ILE A 57 13.70 -1.67 -18.83
C ILE A 57 12.75 -2.40 -19.76
N ASP A 58 11.82 -3.15 -19.17
CA ASP A 58 10.84 -3.91 -19.94
C ASP A 58 10.46 -3.15 -21.20
N LYS A 59 9.45 -2.30 -21.09
CA LYS A 59 8.94 -1.49 -22.20
C LYS A 59 10.06 -0.94 -23.07
N ASP A 60 10.64 -1.82 -23.89
CA ASP A 60 11.72 -1.51 -24.81
C ASP A 60 12.39 -0.13 -24.62
N LYS A 61 12.97 0.07 -23.45
CA LYS A 61 13.64 1.33 -23.12
C LYS A 61 14.93 1.11 -22.33
N LYS A 62 15.79 2.11 -22.39
CA LYS A 62 17.05 2.09 -21.65
C LYS A 62 16.66 2.80 -20.35
N MET A 63 17.45 2.65 -19.30
CA MET A 63 17.14 3.32 -18.04
C MET A 63 17.78 4.71 -18.06
N ASN A 64 17.00 5.73 -18.34
CA ASN A 64 17.54 7.08 -18.38
C ASN A 64 18.07 7.48 -16.99
N ILE A 65 19.39 7.41 -16.85
CA ILE A 65 20.05 7.76 -15.61
C ILE A 65 20.56 9.19 -15.70
N LEU A 66 19.80 10.13 -15.15
CA LEU A 66 20.19 11.54 -15.17
C LEU A 66 21.64 11.72 -14.70
N ASP A 67 21.97 11.15 -13.54
CA ASP A 67 23.31 11.27 -12.98
C ASP A 67 23.53 10.21 -11.90
N MET A 68 24.74 10.21 -11.35
CA MET A 68 25.17 9.32 -10.29
C MET A 68 26.24 10.14 -9.60
N LEU A 69 25.99 10.53 -8.36
CA LEU A 69 26.95 11.35 -7.63
C LEU A 69 27.31 10.75 -6.27
N PRO A 70 28.47 11.13 -5.73
CA PRO A 70 28.88 10.60 -4.42
C PRO A 70 27.93 11.14 -3.35
N PHE A 71 27.64 10.30 -2.34
CA PHE A 71 26.70 10.66 -1.29
C PHE A 71 26.96 9.91 0.02
N ASP A 72 27.00 10.62 1.14
CA ASP A 72 27.22 9.96 2.41
C ASP A 72 26.19 10.40 3.44
N ALA A 73 25.36 9.43 3.87
CA ALA A 73 24.29 9.66 4.83
C ALA A 73 24.74 10.00 6.26
N SER A 74 25.98 9.71 6.60
CA SER A 74 26.44 10.00 7.95
C SER A 74 27.11 11.36 8.08
N PHE A 75 26.90 12.22 7.07
CA PHE A 75 27.42 13.59 7.02
C PHE A 75 26.28 14.51 6.56
N ASP A 76 25.90 15.48 7.38
CA ASP A 76 24.81 16.41 7.01
C ASP A 76 25.32 17.54 6.13
N THR A 77 26.13 18.41 6.73
CA THR A 77 26.70 19.56 6.04
C THR A 77 28.18 19.38 5.75
N ALA A 78 28.76 20.31 5.02
CA ALA A 78 30.17 20.22 4.65
C ALA A 78 31.15 20.35 5.81
N ASN A 79 30.69 20.89 6.93
CA ASN A 79 31.60 21.06 8.04
C ASN A 79 31.62 19.88 9.02
N ASP A 80 30.74 18.91 8.80
CA ASP A 80 30.70 17.73 9.68
C ASP A 80 31.78 16.76 9.22
N ILE A 81 32.34 17.03 8.05
CA ILE A 81 33.39 16.20 7.47
C ILE A 81 34.72 16.34 8.23
N ASP A 82 35.01 15.35 9.09
CA ASP A 82 36.22 15.34 9.91
C ASP A 82 37.55 15.23 9.17
N GLU A 83 38.64 15.31 9.92
CA GLU A 83 40.00 15.21 9.36
C GLU A 83 40.25 13.82 8.76
N GLU A 84 39.63 12.79 9.35
CA GLU A 84 39.79 11.41 8.89
C GLU A 84 39.41 11.24 7.41
N THR A 85 38.12 11.35 7.12
CA THR A 85 37.61 11.24 5.76
C THR A 85 38.29 12.31 4.92
N LYS A 86 38.67 13.39 5.57
CA LYS A 86 39.34 14.50 4.92
C LYS A 86 40.59 13.91 4.26
N ASN A 87 41.17 12.93 4.94
CA ASN A 87 42.37 12.25 4.46
C ASN A 87 42.07 10.92 3.78
N ASN A 88 41.09 10.18 4.31
CA ASN A 88 40.73 8.88 3.76
C ASN A 88 41.03 8.72 2.28
N LYS A 89 41.92 7.79 1.97
CA LYS A 89 42.34 7.50 0.61
C LYS A 89 41.33 7.87 -0.51
N ARG A 90 40.14 7.29 -0.46
CA ARG A 90 39.12 7.52 -1.49
C ARG A 90 38.48 8.91 -1.56
N TYR A 91 37.94 9.36 -0.44
CA TYR A 91 37.29 10.67 -0.36
C TYR A 91 38.07 11.75 -1.09
N ASN A 92 39.39 11.64 -1.05
CA ASN A 92 40.29 12.59 -1.68
C ASN A 92 39.83 13.12 -3.04
N MET A 93 39.61 12.23 -4.00
CA MET A 93 39.18 12.65 -5.33
C MET A 93 37.67 12.86 -5.47
N LEU A 94 37.00 13.16 -4.35
CA LEU A 94 35.56 13.40 -4.36
C LEU A 94 35.18 14.57 -3.47
N GLN A 95 34.16 15.31 -3.86
CA GLN A 95 33.71 16.48 -3.09
C GLN A 95 32.20 16.71 -3.17
N ASN A 96 31.66 17.45 -2.21
CA ASN A 96 30.24 17.77 -2.20
C ASN A 96 29.36 16.53 -2.07
N TYR A 97 29.73 15.63 -1.17
CA TYR A 97 28.99 14.39 -0.97
C TYR A 97 28.24 14.33 0.35
N THR A 98 28.07 15.47 1.01
CA THR A 98 27.34 15.53 2.26
C THR A 98 25.88 15.66 1.85
N ILE A 99 24.96 15.26 2.70
CA ILE A 99 23.54 15.32 2.35
C ILE A 99 23.12 16.66 1.78
N GLU A 100 23.52 17.75 2.41
CA GLU A 100 23.13 19.04 1.88
C GLU A 100 23.87 19.41 0.59
N ASP A 101 25.10 18.92 0.44
CA ASP A 101 25.86 19.22 -0.77
C ASP A 101 25.30 18.58 -2.03
N VAL A 102 24.72 17.38 -1.91
CA VAL A 102 24.14 16.74 -3.09
C VAL A 102 22.82 17.45 -3.41
N ALA A 103 22.08 17.82 -2.38
CA ALA A 103 20.81 18.52 -2.58
C ALA A 103 21.09 19.76 -3.41
N ASN A 104 22.07 20.56 -2.96
CA ASN A 104 22.43 21.77 -3.68
C ASN A 104 22.90 21.41 -5.08
N LEU A 105 23.71 20.36 -5.19
CA LEU A 105 24.22 19.93 -6.49
C LEU A 105 23.09 19.61 -7.46
N ILE A 106 22.25 18.66 -7.09
CA ILE A 106 21.13 18.25 -7.93
C ILE A 106 20.19 19.41 -8.25
N HIS A 107 19.98 20.29 -7.28
CA HIS A 107 19.09 21.44 -7.44
C HIS A 107 19.67 22.51 -8.37
N GLN A 108 20.99 22.61 -8.40
CA GLN A 108 21.64 23.59 -9.25
C GLN A 108 21.70 23.06 -10.66
N LYS A 109 22.06 21.79 -10.79
CA LYS A 109 22.18 21.18 -12.10
C LYS A 109 20.85 20.89 -12.77
N TYR A 110 19.90 20.33 -12.03
CA TYR A 110 18.62 19.96 -12.61
C TYR A 110 17.41 20.65 -11.99
N GLY A 111 17.59 21.22 -10.81
CA GLY A 111 16.50 21.93 -10.16
C GLY A 111 15.55 21.07 -9.34
N LYS A 112 14.36 21.60 -9.12
CA LYS A 112 13.34 20.92 -8.34
C LYS A 112 13.11 19.48 -8.80
N ILE A 113 12.86 18.59 -7.84
CA ILE A 113 12.56 17.19 -8.13
C ILE A 113 11.26 16.86 -7.37
N ASN A 114 10.73 15.65 -7.55
CA ASN A 114 9.47 15.31 -6.89
C ASN A 114 9.33 13.91 -6.30
N MET A 115 10.41 13.15 -6.30
CA MET A 115 10.39 11.80 -5.74
C MET A 115 11.71 11.54 -5.05
N LEU A 116 11.64 11.15 -3.78
CA LEU A 116 12.85 10.90 -3.00
C LEU A 116 12.87 9.47 -2.47
N VAL A 117 14.03 8.83 -2.49
CA VAL A 117 14.13 7.46 -2.01
C VAL A 117 15.29 7.26 -1.04
N HIS A 118 15.01 6.61 0.08
CA HIS A 118 16.01 6.32 1.09
C HIS A 118 16.19 4.80 1.15
N SER A 119 17.11 4.30 0.32
CA SER A 119 17.38 2.87 0.22
C SER A 119 18.79 2.55 0.71
N LEU A 120 19.07 2.89 1.96
CA LEU A 120 20.40 2.67 2.51
C LEU A 120 20.44 2.34 4.01
N ALA A 121 21.37 1.47 4.38
CA ALA A 121 21.53 1.08 5.78
C ALA A 121 22.92 0.54 6.06
N ASN A 122 23.27 0.49 7.34
CA ASN A 122 24.56 -0.06 7.77
C ASN A 122 24.69 -0.11 9.29
N ALA A 123 24.98 -1.31 9.78
CA ALA A 123 25.16 -1.56 11.20
C ALA A 123 26.49 -2.30 11.37
N LYS A 124 27.54 -1.53 11.67
CA LYS A 124 28.89 -2.05 11.85
C LYS A 124 29.04 -3.28 12.76
N GLU A 125 28.08 -3.51 13.65
CA GLU A 125 28.15 -4.66 14.54
C GLU A 125 26.98 -5.62 14.36
N VAL A 126 26.36 -5.59 13.19
CA VAL A 126 25.23 -6.45 12.90
C VAL A 126 25.42 -7.90 13.35
N GLN A 127 26.66 -8.38 13.36
CA GLN A 127 26.96 -9.75 13.77
C GLN A 127 26.81 -10.03 15.28
N LYS A 128 26.92 -9.01 16.10
CA LYS A 128 26.73 -9.19 17.55
C LYS A 128 25.23 -9.03 17.81
N ASP A 129 24.72 -9.63 18.88
CA ASP A 129 23.31 -9.48 19.19
C ASP A 129 23.12 -8.21 20.04
N LEU A 130 21.92 -7.66 20.04
CA LEU A 130 21.63 -6.42 20.77
C LEU A 130 22.35 -6.30 22.10
N LEU A 131 22.19 -7.32 22.93
CA LEU A 131 22.80 -7.36 24.26
C LEU A 131 24.33 -7.20 24.26
N ASN A 132 24.97 -7.50 23.13
CA ASN A 132 26.42 -7.39 23.05
C ASN A 132 26.90 -6.29 22.14
N THR A 133 26.00 -5.40 21.76
CA THR A 133 26.34 -4.28 20.91
C THR A 133 26.77 -3.04 21.71
N SER A 134 27.86 -2.42 21.27
CA SER A 134 28.39 -1.24 21.93
C SER A 134 27.57 0.02 21.69
N ARG A 135 27.90 1.10 22.39
CA ARG A 135 27.17 2.33 22.21
C ARG A 135 27.58 2.90 20.85
N LYS A 136 28.88 2.83 20.57
CA LYS A 136 29.41 3.33 19.30
C LYS A 136 28.73 2.58 18.16
N GLY A 137 28.78 1.26 18.24
CA GLY A 137 28.18 0.44 17.20
C GLY A 137 26.71 0.69 16.92
N TYR A 138 25.95 0.85 17.99
CA TYR A 138 24.51 1.08 17.94
C TYR A 138 24.14 2.46 17.38
N LEU A 139 24.63 3.51 18.05
CA LEU A 139 24.35 4.87 17.64
C LEU A 139 24.79 5.12 16.22
N ASP A 140 25.87 4.45 15.82
CA ASP A 140 26.41 4.59 14.48
C ASP A 140 25.38 4.00 13.52
N ALA A 141 24.76 2.92 13.98
CA ALA A 141 23.73 2.22 13.22
C ALA A 141 22.55 3.16 13.02
N LEU A 142 22.13 3.79 14.10
CA LEU A 142 21.01 4.72 14.05
C LEU A 142 21.32 5.93 13.21
N SER A 143 22.55 6.41 13.32
CA SER A 143 22.97 7.58 12.57
C SER A 143 22.95 7.26 11.09
N LYS A 144 23.51 6.12 10.72
CA LYS A 144 23.58 5.71 9.32
C LYS A 144 22.24 5.24 8.76
N SER A 145 21.55 4.43 9.55
CA SER A 145 20.29 3.85 9.10
C SER A 145 18.99 4.54 9.50
N SER A 146 19.05 5.44 10.46
CA SER A 146 17.81 6.10 10.89
C SER A 146 17.76 7.60 10.75
N TYR A 147 18.64 8.31 11.45
CA TYR A 147 18.63 9.77 11.40
C TYR A 147 18.79 10.30 9.98
N SER A 148 19.61 9.64 9.18
CA SER A 148 19.83 10.07 7.81
C SER A 148 18.51 10.34 7.12
N LEU A 149 17.57 9.41 7.22
CA LEU A 149 16.26 9.62 6.59
C LEU A 149 15.73 11.01 6.96
N ILE A 150 15.85 11.40 8.22
CA ILE A 150 15.37 12.70 8.67
C ILE A 150 16.19 13.84 8.04
N SER A 151 17.52 13.74 8.16
CA SER A 151 18.44 14.72 7.60
C SER A 151 18.19 14.95 6.11
N LEU A 152 17.95 13.85 5.41
CA LEU A 152 17.68 13.87 3.99
C LEU A 152 16.42 14.69 3.73
N CYS A 153 15.36 14.40 4.47
CA CYS A 153 14.10 15.14 4.30
C CYS A 153 14.23 16.63 4.59
N LYS A 154 15.05 16.97 5.59
CA LYS A 154 15.25 18.36 5.99
C LYS A 154 15.87 19.20 4.88
N TYR A 155 16.92 18.68 4.27
CA TYR A 155 17.62 19.39 3.20
C TYR A 155 16.98 19.27 1.81
N PHE A 156 16.39 18.11 1.51
CA PHE A 156 15.80 17.91 0.20
C PHE A 156 14.40 18.47 0.03
N VAL A 157 13.65 18.65 1.11
CA VAL A 157 12.30 19.20 0.96
C VAL A 157 12.38 20.53 0.19
N ASN A 158 13.36 21.34 0.55
CA ASN A 158 13.58 22.64 -0.07
C ASN A 158 13.61 22.61 -1.60
N ILE A 159 14.17 21.57 -2.19
CA ILE A 159 14.22 21.53 -3.66
C ILE A 159 13.18 20.60 -4.28
N MET A 160 12.12 20.31 -3.54
CA MET A 160 11.07 19.43 -4.04
C MET A 160 9.79 20.16 -4.43
N LYS A 161 9.25 19.83 -5.60
CA LYS A 161 8.01 20.45 -6.07
C LYS A 161 6.90 20.17 -5.06
N PRO A 162 5.80 20.94 -5.11
CA PRO A 162 4.71 20.70 -4.17
C PRO A 162 4.15 19.29 -4.30
N GLN A 163 3.81 18.67 -3.17
CA GLN A 163 3.23 17.32 -3.15
C GLN A 163 4.16 16.20 -3.59
N SER A 164 5.46 16.33 -3.33
CA SER A 164 6.39 15.30 -3.73
C SER A 164 6.12 14.09 -2.85
N SER A 165 6.91 13.05 -3.04
CA SER A 165 6.71 11.81 -2.31
C SER A 165 8.04 11.15 -1.93
N ILE A 166 8.13 10.72 -0.69
CA ILE A 166 9.33 10.08 -0.16
C ILE A 166 9.02 8.66 0.35
N ILE A 167 10.00 7.75 0.21
CA ILE A 167 9.86 6.38 0.70
C ILE A 167 11.22 5.90 1.19
N SER A 168 11.19 4.92 2.10
CA SER A 168 12.39 4.33 2.66
C SER A 168 12.12 2.82 2.69
N LEU A 169 13.10 2.02 3.08
CA LEU A 169 12.91 0.56 3.15
C LEU A 169 13.19 0.10 4.57
N THR A 170 12.29 -0.69 5.14
CA THR A 170 12.49 -1.13 6.50
C THR A 170 12.33 -2.66 6.64
N TYR A 171 12.64 -3.19 7.83
CA TYR A 171 12.55 -4.63 8.02
C TYR A 171 11.73 -5.03 9.25
N HIS A 172 10.85 -6.01 9.05
CA HIS A 172 9.96 -6.51 10.08
C HIS A 172 10.71 -6.91 11.34
N ALA A 173 12.03 -6.89 11.29
CA ALA A 173 12.83 -7.22 12.46
C ALA A 173 12.45 -6.22 13.56
N SER A 174 11.92 -5.07 13.14
CA SER A 174 11.51 -3.99 14.02
C SER A 174 10.30 -4.25 14.90
N GLN A 175 9.38 -5.09 14.43
CA GLN A 175 8.16 -5.37 15.20
C GLN A 175 8.14 -6.71 15.95
N LYS A 176 8.90 -7.68 15.43
CA LYS A 176 8.98 -9.02 16.01
C LYS A 176 10.43 -9.47 15.98
N VAL A 177 10.98 -9.86 17.13
CA VAL A 177 12.38 -10.27 17.20
C VAL A 177 12.82 -11.37 16.23
N VAL A 178 13.73 -11.02 15.32
CA VAL A 178 14.26 -11.98 14.34
C VAL A 178 15.79 -12.15 14.54
N PRO A 179 16.19 -13.10 15.40
CA PRO A 179 17.57 -13.45 15.77
C PRO A 179 18.60 -13.38 14.65
N GLY A 180 19.67 -12.63 14.89
CA GLY A 180 20.71 -12.52 13.89
C GLY A 180 20.72 -11.19 13.15
N TYR A 181 19.71 -10.36 13.41
CA TYR A 181 19.59 -9.05 12.80
C TYR A 181 19.98 -8.10 13.91
N GLY A 182 21.25 -8.15 14.30
CA GLY A 182 21.69 -7.32 15.40
C GLY A 182 22.43 -6.03 15.17
N GLY A 183 23.24 -5.68 16.18
CA GLY A 183 24.04 -4.47 16.14
C GLY A 183 23.23 -3.18 16.07
N GLY A 184 21.95 -3.25 16.36
CA GLY A 184 21.13 -2.06 16.30
C GLY A 184 20.22 -1.96 15.08
N MET A 185 20.35 -2.87 14.11
CA MET A 185 19.48 -2.79 12.93
C MET A 185 18.00 -2.96 13.29
N SER A 186 17.72 -3.63 14.41
CA SER A 186 16.34 -3.80 14.84
C SER A 186 15.92 -2.46 15.43
N SER A 187 16.74 -1.94 16.33
CA SER A 187 16.45 -0.68 16.97
C SER A 187 16.30 0.40 15.91
N ALA A 188 17.25 0.38 14.98
CA ALA A 188 17.28 1.35 13.90
C ALA A 188 15.99 1.37 13.13
N LYS A 189 15.65 0.23 12.52
CA LYS A 189 14.42 0.11 11.73
C LYS A 189 13.16 0.46 12.52
N ALA A 190 13.16 0.13 13.81
CA ALA A 190 12.03 0.44 14.69
C ALA A 190 11.80 1.94 14.69
N ALA A 191 12.89 2.69 14.83
CA ALA A 191 12.85 4.14 14.86
C ALA A 191 12.51 4.71 13.50
N LEU A 192 13.10 4.15 12.44
CA LEU A 192 12.84 4.62 11.08
C LEU A 192 11.38 4.48 10.68
N GLU A 193 10.67 3.55 11.32
CA GLU A 193 9.28 3.35 11.02
C GLU A 193 8.42 4.35 11.81
N SER A 194 8.90 4.70 13.00
CA SER A 194 8.22 5.66 13.87
C SER A 194 8.42 7.07 13.31
N ASP A 195 9.66 7.42 13.02
CA ASP A 195 9.96 8.72 12.47
C ASP A 195 9.22 8.92 11.13
N THR A 196 8.88 7.82 10.46
CA THR A 196 8.13 7.94 9.21
C THR A 196 6.81 8.64 9.57
N ARG A 197 6.09 8.13 10.56
CA ARG A 197 4.83 8.74 10.97
C ARG A 197 4.99 10.21 11.38
N VAL A 198 5.93 10.47 12.27
CA VAL A 198 6.15 11.83 12.73
C VAL A 198 6.51 12.78 11.58
N LEU A 199 7.37 12.33 10.68
CA LEU A 199 7.75 13.17 9.53
C LEU A 199 6.53 13.30 8.64
N ALA A 200 5.66 12.29 8.68
CA ALA A 200 4.48 12.28 7.84
C ALA A 200 3.51 13.40 8.16
N TYR A 201 3.50 13.81 9.42
CA TYR A 201 2.61 14.87 9.88
C TYR A 201 3.21 16.23 9.55
N HIS A 202 4.50 16.38 9.83
CA HIS A 202 5.21 17.61 9.54
C HIS A 202 5.25 17.93 8.06
N LEU A 203 5.81 17.01 7.29
CA LEU A 203 5.94 17.19 5.85
C LEU A 203 4.61 17.38 5.15
N GLY A 204 3.58 16.69 5.66
CA GLY A 204 2.26 16.78 5.07
C GLY A 204 1.46 18.00 5.49
N ARG A 205 1.59 18.44 6.74
CA ARG A 205 0.86 19.60 7.22
C ARG A 205 1.44 20.90 6.68
N ASN A 206 2.77 20.98 6.74
CA ASN A 206 3.52 22.16 6.31
C ASN A 206 3.81 22.29 4.82
N TYR A 207 4.28 21.23 4.20
CA TYR A 207 4.62 21.29 2.79
C TYR A 207 3.69 20.47 1.90
N ASN A 208 2.84 19.69 2.54
CA ASN A 208 1.91 18.81 1.83
C ASN A 208 2.67 17.76 1.00
N ILE A 209 3.74 17.23 1.60
CA ILE A 209 4.53 16.19 0.95
C ILE A 209 4.26 14.92 1.74
N ARG A 210 4.28 13.79 1.05
CA ARG A 210 4.01 12.52 1.73
C ARG A 210 5.26 11.68 1.95
N ILE A 211 5.19 10.79 2.93
CA ILE A 211 6.33 9.93 3.21
C ILE A 211 5.82 8.62 3.79
N ASN A 212 6.35 7.52 3.26
CA ASN A 212 5.98 6.19 3.70
C ASN A 212 7.23 5.33 3.64
N THR A 213 7.15 4.10 4.11
CA THR A 213 8.29 3.20 4.09
C THR A 213 7.82 1.80 3.70
N ILE A 214 8.66 1.08 2.95
CA ILE A 214 8.32 -0.26 2.51
C ILE A 214 9.03 -1.30 3.34
N SER A 215 8.28 -2.24 3.88
CA SER A 215 8.83 -3.32 4.71
C SER A 215 9.01 -4.53 3.80
N ALA A 216 10.17 -4.61 3.15
CA ALA A 216 10.46 -5.70 2.24
C ALA A 216 10.80 -7.01 2.94
N GLY A 217 10.93 -8.04 2.12
CA GLY A 217 11.29 -9.36 2.62
C GLY A 217 12.73 -9.63 2.22
N PRO A 218 13.23 -10.84 2.40
CA PRO A 218 14.60 -11.22 2.06
C PRO A 218 15.01 -10.97 0.60
N LEU A 219 16.23 -10.50 0.43
CA LEU A 219 16.80 -10.23 -0.90
C LEU A 219 18.31 -10.41 -0.82
N LYS A 220 18.83 -11.26 -1.70
CA LYS A 220 20.27 -11.55 -1.77
C LYS A 220 21.02 -10.38 -2.43
N SER A 221 21.25 -9.33 -1.63
CA SER A 221 21.95 -8.14 -2.07
C SER A 221 23.31 -8.18 -1.37
N ARG A 222 24.24 -7.30 -1.74
CA ARG A 222 25.56 -7.32 -1.10
C ARG A 222 25.46 -7.12 0.41
N ALA A 223 24.56 -6.24 0.83
CA ALA A 223 24.37 -5.97 2.25
C ALA A 223 23.86 -7.21 2.97
N ALA A 224 22.88 -7.87 2.36
CA ALA A 224 22.30 -9.07 2.94
C ALA A 224 23.34 -10.18 3.03
N THR A 225 24.15 -10.35 1.98
CA THR A 225 25.17 -11.38 1.96
C THR A 225 26.29 -11.00 2.94
N ALA A 226 26.55 -9.70 3.03
CA ALA A 226 27.59 -9.17 3.90
C ALA A 226 27.23 -9.28 5.38
N ILE A 227 25.95 -9.47 5.68
CA ILE A 227 25.55 -9.61 7.07
C ILE A 227 26.37 -10.68 7.80
N ASN A 228 26.25 -11.92 7.34
CA ASN A 228 26.98 -13.05 7.94
C ASN A 228 26.46 -13.36 9.34
N LYS A 229 25.86 -14.55 9.50
CA LYS A 229 25.31 -14.99 10.78
C LYS A 229 25.09 -16.50 10.79
N TYR A 270 24.09 -21.46 6.77
CA TYR A 270 24.60 -20.99 5.44
C TYR A 270 24.18 -19.53 5.14
N THR A 271 24.59 -18.63 6.04
CA THR A 271 24.33 -17.18 5.98
C THR A 271 22.89 -16.75 6.31
N PHE A 272 22.80 -15.76 7.21
CA PHE A 272 21.56 -15.15 7.67
C PHE A 272 20.57 -14.97 6.53
N ILE A 273 21.05 -14.31 5.48
CA ILE A 273 20.27 -14.01 4.30
C ILE A 273 19.77 -15.25 3.57
N ASP A 274 20.61 -16.28 3.50
CA ASP A 274 20.17 -17.48 2.81
C ASP A 274 19.12 -18.22 3.61
N TYR A 275 19.14 -18.05 4.93
CA TYR A 275 18.17 -18.70 5.80
C TYR A 275 16.83 -17.98 5.77
N ALA A 276 16.85 -16.65 5.66
CA ALA A 276 15.61 -15.89 5.61
C ALA A 276 14.87 -16.18 4.30
N ILE A 277 15.61 -16.20 3.19
CA ILE A 277 15.01 -16.49 1.89
C ILE A 277 14.44 -17.91 1.84
N GLU A 278 15.20 -18.89 2.31
CA GLU A 278 14.72 -20.28 2.30
C GLU A 278 13.40 -20.34 3.03
N TYR A 279 13.41 -19.85 4.27
CA TYR A 279 12.24 -19.83 5.11
C TYR A 279 11.05 -19.15 4.42
N SER A 280 11.28 -17.96 3.88
CA SER A 280 10.23 -17.20 3.22
C SER A 280 9.52 -17.90 2.06
N GLU A 281 10.30 -18.40 1.09
CA GLU A 281 9.73 -19.08 -0.07
C GLU A 281 9.01 -20.38 0.30
N LYS A 282 9.23 -20.84 1.53
CA LYS A 282 8.63 -22.07 2.04
C LYS A 282 7.35 -21.84 2.86
N TYR A 283 7.35 -20.78 3.66
CA TYR A 283 6.21 -20.49 4.50
C TYR A 283 5.37 -19.25 4.15
N ALA A 284 5.95 -18.31 3.42
CA ALA A 284 5.21 -17.10 3.03
C ALA A 284 3.95 -17.46 2.25
N PRO A 285 2.82 -16.76 2.51
CA PRO A 285 1.55 -17.00 1.83
C PRO A 285 1.70 -17.14 0.32
N LEU A 286 2.49 -16.25 -0.27
CA LEU A 286 2.75 -16.27 -1.70
C LEU A 286 4.05 -17.00 -2.03
N ARG A 287 3.88 -18.21 -2.53
CA ARG A 287 4.96 -19.13 -2.86
C ARG A 287 6.06 -18.69 -3.83
N GLN A 288 5.86 -17.64 -4.60
CA GLN A 288 6.91 -17.25 -5.55
C GLN A 288 8.12 -16.55 -4.93
N LYS A 289 9.14 -16.33 -5.76
CA LYS A 289 10.39 -15.69 -5.37
C LYS A 289 10.20 -14.18 -5.45
N LEU A 290 10.58 -13.49 -4.38
CA LEU A 290 10.45 -12.04 -4.28
C LEU A 290 11.54 -11.34 -5.05
N LEU A 291 11.13 -10.42 -5.92
CA LEU A 291 12.07 -9.68 -6.75
C LEU A 291 12.22 -8.23 -6.30
N SER A 292 13.38 -7.64 -6.58
CA SER A 292 13.60 -6.26 -6.18
C SER A 292 12.55 -5.41 -6.90
N THR A 293 12.28 -5.77 -8.15
CA THR A 293 11.30 -5.01 -8.91
C THR A 293 9.91 -5.16 -8.30
N ASP A 294 9.76 -6.12 -7.39
CA ASP A 294 8.49 -6.31 -6.69
C ASP A 294 8.34 -5.11 -5.77
N ILE A 295 9.39 -4.85 -5.00
CA ILE A 295 9.37 -3.71 -4.11
C ILE A 295 9.40 -2.49 -5.03
N GLY A 296 10.02 -2.65 -6.19
CA GLY A 296 10.11 -1.55 -7.14
C GLY A 296 8.76 -1.07 -7.68
N SER A 297 7.90 -2.01 -8.05
CA SER A 297 6.59 -1.63 -8.58
C SER A 297 5.74 -1.05 -7.45
N VAL A 298 6.02 -1.40 -6.21
CA VAL A 298 5.26 -0.85 -5.10
C VAL A 298 5.79 0.55 -4.80
N ALA A 299 7.10 0.71 -4.91
CA ALA A 299 7.72 2.01 -4.64
C ALA A 299 7.23 2.97 -5.71
N SER A 300 7.17 2.48 -6.93
CA SER A 300 6.72 3.27 -8.07
C SER A 300 5.35 3.88 -7.79
N PHE A 301 4.44 3.03 -7.33
CA PHE A 301 3.07 3.44 -7.00
C PHE A 301 3.01 4.42 -5.82
N LEU A 302 3.79 4.15 -4.77
CA LEU A 302 3.79 5.03 -3.59
C LEU A 302 4.45 6.38 -3.87
N LEU A 303 5.29 6.44 -4.90
CA LEU A 303 5.95 7.68 -5.27
C LEU A 303 5.14 8.47 -6.31
N SER A 304 3.93 8.00 -6.59
CA SER A 304 3.07 8.66 -7.56
C SER A 304 1.94 9.39 -6.87
N ARG A 305 1.06 9.97 -7.68
CA ARG A 305 -0.07 10.71 -7.19
C ARG A 305 -1.24 9.75 -7.00
N GLU A 306 -1.13 8.59 -7.64
CA GLU A 306 -2.17 7.58 -7.56
C GLU A 306 -2.29 7.04 -6.14
N SER A 307 -1.55 7.63 -5.20
CA SER A 307 -1.60 7.23 -3.79
C SER A 307 -1.62 8.44 -2.86
N ARG A 308 -1.91 9.60 -3.45
CA ARG A 308 -1.98 10.89 -2.76
C ARG A 308 -2.58 10.84 -1.35
N ALA A 309 -3.44 9.87 -1.09
CA ALA A 309 -4.07 9.78 0.23
C ALA A 309 -3.41 8.81 1.22
N ILE A 310 -2.16 8.41 0.91
CA ILE A 310 -1.43 7.49 1.78
C ILE A 310 -0.14 8.09 2.30
N THR A 311 -0.01 8.21 3.62
CA THR A 311 1.20 8.77 4.19
C THR A 311 1.48 8.29 5.63
N GLY A 312 2.76 8.22 5.97
CA GLY A 312 3.12 7.77 7.31
C GLY A 312 2.85 6.30 7.49
N GLN A 313 2.77 5.57 6.38
CA GLN A 313 2.50 4.16 6.49
C GLN A 313 3.70 3.26 6.21
N THR A 314 3.63 2.06 6.76
CA THR A 314 4.66 1.06 6.59
C THR A 314 3.96 -0.04 5.77
N ILE A 315 4.28 -0.10 4.48
CA ILE A 315 3.66 -1.07 3.57
C ILE A 315 4.50 -2.34 3.43
N TYR A 316 3.92 -3.48 3.76
CA TYR A 316 4.67 -4.73 3.65
C TYR A 316 4.63 -5.35 2.24
N VAL A 317 5.80 -5.48 1.65
CA VAL A 317 5.96 -6.10 0.33
C VAL A 317 6.90 -7.23 0.69
N ASP A 318 6.32 -8.27 1.27
CA ASP A 318 7.09 -9.41 1.76
C ASP A 318 6.36 -10.69 1.44
N ASN A 319 5.53 -10.66 0.40
CA ASN A 319 4.72 -11.82 -0.01
C ASN A 319 3.75 -12.27 1.06
N GLY A 320 3.60 -11.46 2.11
CA GLY A 320 2.67 -11.80 3.17
C GLY A 320 3.24 -12.57 4.35
N LEU A 321 4.54 -12.85 4.32
CA LEU A 321 5.19 -13.61 5.39
C LEU A 321 4.91 -12.99 6.75
N ASN A 322 4.75 -11.67 6.76
CA ASN A 322 4.54 -10.94 8.00
C ASN A 322 3.22 -11.24 8.70
N ILE A 323 2.28 -11.87 8.00
CA ILE A 323 0.98 -12.18 8.61
C ILE A 323 1.02 -13.49 9.40
N MET A 324 1.91 -14.39 9.01
CA MET A 324 2.04 -15.70 9.66
C MET A 324 2.48 -15.63 11.12
N PHE A 325 2.30 -16.73 11.83
CA PHE A 325 2.71 -16.81 13.23
C PHE A 325 3.63 -18.02 13.39
N LEU A 326 3.02 -19.19 13.56
CA LEU A 326 3.78 -20.42 13.71
C LEU A 326 3.79 -21.07 12.35
N PRO A 327 4.95 -21.53 11.89
CA PRO A 327 5.01 -22.18 10.58
C PRO A 327 4.40 -23.59 10.61
N ASP A 328 3.73 -23.96 9.53
CA ASP A 328 3.10 -25.29 9.38
C ASP A 328 4.09 -26.40 9.76
N ASP A 329 5.29 -26.32 9.16
CA ASP A 329 6.36 -27.27 9.42
C ASP A 329 7.35 -26.65 10.42
N GLU B 1 -7.88 -9.15 -21.15
CA GLU B 1 -8.79 -8.14 -20.53
C GLU B 1 -9.13 -8.52 -19.09
N ASP B 2 -9.12 -7.54 -18.20
CA ASP B 2 -9.41 -7.78 -16.79
C ASP B 2 -10.86 -7.49 -16.49
N ILE B 3 -11.51 -8.43 -15.83
CA ILE B 3 -12.91 -8.28 -15.44
C ILE B 3 -12.96 -8.16 -13.93
N CYS B 4 -13.76 -7.21 -13.44
CA CYS B 4 -13.86 -7.00 -12.00
C CYS B 4 -15.30 -6.94 -11.48
N PHE B 5 -15.63 -7.77 -10.50
CA PHE B 5 -16.96 -7.76 -9.93
C PHE B 5 -16.89 -6.88 -8.69
N ILE B 6 -17.61 -5.75 -8.73
CA ILE B 6 -17.68 -4.84 -7.60
C ILE B 6 -18.98 -5.11 -6.86
N ALA B 7 -18.92 -5.82 -5.75
CA ALA B 7 -20.13 -6.10 -5.00
C ALA B 7 -20.37 -4.97 -4.00
N GLY B 8 -21.14 -3.97 -4.40
CA GLY B 8 -21.40 -2.88 -3.47
C GLY B 8 -22.13 -1.66 -3.98
N ILE B 9 -21.84 -1.25 -5.22
CA ILE B 9 -22.46 -0.06 -5.77
C ILE B 9 -23.96 0.01 -5.63
N GLY B 10 -24.43 1.15 -5.12
CA GLY B 10 -25.85 1.38 -4.93
C GLY B 10 -26.14 2.84 -5.23
N ASP B 11 -25.24 3.45 -5.98
CA ASP B 11 -25.30 4.86 -6.42
C ASP B 11 -23.88 5.41 -6.39
N THR B 12 -23.62 6.43 -7.20
CA THR B 12 -22.31 7.06 -7.35
C THR B 12 -21.62 7.81 -6.19
N ASN B 13 -22.28 7.94 -5.04
CA ASN B 13 -21.73 8.68 -3.90
C ASN B 13 -20.74 8.02 -2.92
N GLY B 14 -20.46 6.73 -3.11
CA GLY B 14 -19.57 6.02 -2.21
C GLY B 14 -18.29 5.52 -2.86
N TYR B 15 -17.54 4.70 -2.13
CA TYR B 15 -16.30 4.16 -2.62
C TYR B 15 -16.56 3.18 -3.74
N GLY B 16 -17.67 2.47 -3.66
CA GLY B 16 -18.02 1.52 -4.69
C GLY B 16 -17.90 2.18 -6.06
N TRP B 17 -18.54 3.32 -6.22
CA TRP B 17 -18.49 4.02 -7.50
C TRP B 17 -17.08 4.50 -7.84
N GLY B 18 -16.46 5.21 -6.91
CA GLY B 18 -15.12 5.72 -7.13
C GLY B 18 -14.18 4.62 -7.61
N ILE B 19 -14.24 3.47 -6.97
CA ILE B 19 -13.39 2.34 -7.34
C ILE B 19 -13.61 1.97 -8.79
N ALA B 20 -14.88 1.89 -9.18
CA ALA B 20 -15.25 1.54 -10.54
C ALA B 20 -14.68 2.55 -11.53
N LYS B 21 -14.88 3.82 -11.22
CA LYS B 21 -14.39 4.90 -12.09
C LYS B 21 -12.90 4.68 -12.42
N GLU B 22 -12.09 4.61 -11.37
CA GLU B 22 -10.64 4.41 -11.46
C GLU B 22 -10.22 3.14 -12.19
N LEU B 23 -10.91 2.02 -11.93
CA LEU B 23 -10.55 0.77 -12.60
C LEU B 23 -10.71 0.96 -14.09
N SER B 24 -11.69 1.78 -14.49
CA SER B 24 -11.92 2.06 -15.90
C SER B 24 -10.73 2.75 -16.55
N LYS B 25 -10.18 3.77 -15.88
CA LYS B 25 -9.02 4.48 -16.41
C LYS B 25 -8.02 3.45 -16.93
N ARG B 26 -7.86 2.36 -16.18
CA ARG B 26 -6.94 1.30 -16.56
C ARG B 26 -7.57 0.37 -17.58
N ASN B 27 -8.79 0.67 -18.00
CA ASN B 27 -9.51 -0.10 -19.00
C ASN B 27 -9.99 -1.49 -18.58
N VAL B 28 -10.38 -1.66 -17.32
CA VAL B 28 -10.85 -2.98 -16.91
C VAL B 28 -12.38 -3.02 -17.01
N LYS B 29 -12.92 -4.18 -17.39
CA LYS B 29 -14.37 -4.37 -17.52
C LYS B 29 -15.00 -4.58 -16.15
N ILE B 30 -15.95 -3.73 -15.80
CA ILE B 30 -16.61 -3.83 -14.50
C ILE B 30 -17.91 -4.64 -14.59
N ILE B 31 -18.46 -5.00 -13.42
CA ILE B 31 -19.70 -5.76 -13.33
C ILE B 31 -20.28 -5.46 -11.97
N PHE B 32 -21.28 -4.59 -11.91
CA PHE B 32 -21.88 -4.23 -10.64
C PHE B 32 -22.80 -5.30 -10.07
N GLY B 33 -22.74 -5.48 -8.75
CA GLY B 33 -23.60 -6.44 -8.07
C GLY B 33 -24.44 -5.57 -7.15
N ILE B 34 -25.59 -5.10 -7.64
CA ILE B 34 -26.45 -4.23 -6.84
C ILE B 34 -27.37 -5.01 -5.91
N TRP B 35 -27.70 -4.39 -4.78
CA TRP B 35 -28.58 -4.99 -3.78
C TRP B 35 -30.03 -4.80 -4.26
N PRO B 36 -30.86 -5.86 -4.17
CA PRO B 36 -32.25 -5.79 -4.60
C PRO B 36 -33.01 -4.55 -4.15
N PRO B 37 -32.93 -4.20 -2.86
CA PRO B 37 -33.64 -3.02 -2.38
C PRO B 37 -33.43 -1.80 -3.31
N VAL B 38 -32.21 -1.59 -3.76
CA VAL B 38 -31.91 -0.45 -4.61
C VAL B 38 -31.61 -0.78 -6.08
N TYR B 39 -31.89 -2.02 -6.49
CA TYR B 39 -31.61 -2.44 -7.86
C TYR B 39 -32.50 -1.79 -8.93
N ASN B 40 -33.80 -1.77 -8.69
CA ASN B 40 -34.74 -1.20 -9.63
C ASN B 40 -34.47 0.28 -9.84
N ILE B 41 -34.33 1.01 -8.74
CA ILE B 41 -34.09 2.43 -8.78
C ILE B 41 -32.73 2.82 -9.40
N PHE B 42 -31.73 1.96 -9.26
CA PHE B 42 -30.41 2.26 -9.83
C PHE B 42 -30.43 2.15 -11.37
N MET B 43 -31.00 1.05 -11.87
CA MET B 43 -31.09 0.85 -13.31
C MET B 43 -31.83 2.04 -13.91
N LYS B 44 -32.90 2.43 -13.23
CA LYS B 44 -33.74 3.56 -13.59
C LYS B 44 -32.85 4.77 -13.87
N ASN B 45 -32.24 5.29 -12.81
CA ASN B 45 -31.38 6.45 -12.93
C ASN B 45 -30.25 6.26 -13.95
N TYR B 46 -29.86 5.02 -14.19
CA TYR B 46 -28.81 4.73 -15.14
C TYR B 46 -29.29 4.97 -16.58
N LYS B 47 -30.51 4.53 -16.86
CA LYS B 47 -31.12 4.67 -18.18
C LYS B 47 -31.41 6.14 -18.47
N ASN B 48 -31.83 6.87 -17.45
CA ASN B 48 -32.14 8.29 -17.59
C ASN B 48 -30.87 9.11 -17.74
N GLY B 49 -29.74 8.43 -17.92
CA GLY B 49 -28.47 9.10 -18.08
C GLY B 49 -28.10 10.09 -16.98
N LYS B 50 -28.52 9.81 -15.75
CA LYS B 50 -28.23 10.70 -14.63
C LYS B 50 -26.77 10.57 -14.20
N PHE B 51 -26.28 9.34 -14.15
CA PHE B 51 -24.91 9.08 -13.75
C PHE B 51 -23.94 9.49 -14.85
N ASP B 52 -24.50 9.91 -15.98
CA ASP B 52 -23.71 10.33 -17.13
C ASP B 52 -22.58 11.29 -16.82
N ASN B 53 -22.89 12.40 -16.14
CA ASN B 53 -21.86 13.37 -15.81
C ASN B 53 -21.00 12.82 -14.68
N ASP B 54 -21.49 11.79 -14.01
CA ASP B 54 -20.75 11.17 -12.91
C ASP B 54 -19.79 10.10 -13.39
N MET B 55 -20.07 9.51 -14.55
CA MET B 55 -19.21 8.50 -15.13
C MET B 55 -18.13 9.23 -15.90
N ILE B 56 -17.81 10.43 -15.42
CA ILE B 56 -16.81 11.26 -16.05
C ILE B 56 -15.40 11.00 -15.54
N ILE B 57 -14.59 10.42 -16.42
CA ILE B 57 -13.20 10.11 -16.11
C ILE B 57 -12.36 11.19 -16.81
N ASP B 58 -11.74 12.06 -16.01
CA ASP B 58 -10.91 13.16 -16.53
C ASP B 58 -10.45 12.97 -17.96
N LYS B 59 -9.69 11.90 -18.20
CA LYS B 59 -9.16 11.59 -19.53
C LYS B 59 -10.24 11.49 -20.60
N ASP B 60 -11.19 12.42 -20.57
CA ASP B 60 -12.27 12.47 -21.54
C ASP B 60 -12.75 11.05 -21.87
N LYS B 61 -12.70 10.17 -20.87
CA LYS B 61 -13.16 8.80 -21.06
C LYS B 61 -14.58 8.72 -20.57
N LYS B 62 -15.22 7.59 -20.86
CA LYS B 62 -16.58 7.36 -20.42
C LYS B 62 -16.54 5.98 -19.78
N MET B 63 -16.87 5.92 -18.50
CA MET B 63 -16.86 4.66 -17.76
C MET B 63 -17.32 3.50 -18.66
N ASN B 64 -16.83 2.30 -18.39
CA ASN B 64 -17.19 1.14 -19.19
C ASN B 64 -17.93 0.02 -18.43
N ILE B 65 -19.15 0.31 -18.00
CA ILE B 65 -19.95 -0.70 -17.28
C ILE B 65 -20.21 -1.87 -18.22
N LEU B 66 -19.90 -3.09 -17.80
CA LEU B 66 -20.11 -4.25 -18.65
C LEU B 66 -21.48 -4.84 -18.42
N ASP B 67 -21.74 -5.22 -17.17
CA ASP B 67 -23.02 -5.82 -16.78
C ASP B 67 -23.41 -5.22 -15.43
N MET B 68 -24.68 -5.38 -15.05
CA MET B 68 -25.19 -4.87 -13.79
C MET B 68 -26.20 -5.89 -13.27
N LEU B 69 -25.85 -6.57 -12.18
CA LEU B 69 -26.73 -7.62 -11.64
C LEU B 69 -27.22 -7.44 -10.22
N PRO B 70 -28.39 -8.00 -9.91
CA PRO B 70 -28.91 -7.89 -8.54
C PRO B 70 -28.00 -8.82 -7.74
N PHE B 71 -27.76 -8.48 -6.47
CA PHE B 71 -26.86 -9.27 -5.64
C PHE B 71 -27.09 -9.02 -4.16
N ASP B 72 -27.32 -10.09 -3.39
CA ASP B 72 -27.51 -9.95 -1.95
C ASP B 72 -26.52 -10.89 -1.30
N ALA B 73 -25.56 -10.32 -0.59
CA ALA B 73 -24.52 -11.08 0.09
C ALA B 73 -24.99 -11.81 1.33
N SER B 74 -26.28 -11.73 1.65
CA SER B 74 -26.79 -12.42 2.83
C SER B 74 -26.92 -13.88 2.50
N PHE B 75 -27.25 -14.15 1.25
CA PHE B 75 -27.44 -15.50 0.82
C PHE B 75 -26.21 -16.08 0.14
N ASP B 76 -25.82 -17.27 0.57
CA ASP B 76 -24.68 -17.93 0.00
C ASP B 76 -25.17 -18.62 -1.27
N THR B 77 -26.12 -19.54 -1.11
CA THR B 77 -26.69 -20.25 -2.26
C THR B 77 -28.18 -19.98 -2.36
N ALA B 78 -28.79 -20.40 -3.47
CA ALA B 78 -30.23 -20.20 -3.70
C ALA B 78 -31.15 -20.84 -2.65
N ASN B 79 -30.61 -21.77 -1.88
CA ASN B 79 -31.40 -22.44 -0.86
C ASN B 79 -31.50 -21.61 0.42
N ASP B 80 -30.68 -20.57 0.52
CA ASP B 80 -30.69 -19.72 1.70
C ASP B 80 -31.72 -18.60 1.64
N ILE B 81 -32.19 -18.23 0.45
CA ILE B 81 -33.19 -17.18 0.39
C ILE B 81 -34.37 -17.80 1.14
N ASP B 82 -34.97 -17.03 2.03
CA ASP B 82 -36.10 -17.51 2.81
C ASP B 82 -37.36 -17.33 1.99
N GLU B 83 -38.51 -17.61 2.57
CA GLU B 83 -39.76 -17.44 1.82
C GLU B 83 -40.13 -15.96 1.68
N GLU B 84 -40.19 -15.23 2.80
CA GLU B 84 -40.56 -13.83 2.75
C GLU B 84 -39.74 -12.99 1.77
N THR B 85 -38.42 -13.00 1.91
CA THR B 85 -37.57 -12.24 0.98
C THR B 85 -37.79 -12.78 -0.43
N LYS B 86 -37.94 -14.09 -0.54
CA LYS B 86 -38.19 -14.73 -1.82
C LYS B 86 -39.42 -14.08 -2.46
N ASN B 87 -40.40 -13.74 -1.63
CA ASN B 87 -41.64 -13.14 -2.11
C ASN B 87 -41.78 -11.65 -1.85
N ASN B 88 -40.69 -10.98 -1.46
CA ASN B 88 -40.77 -9.56 -1.20
C ASN B 88 -41.07 -8.79 -2.48
N LYS B 89 -41.61 -7.59 -2.33
CA LYS B 89 -41.94 -6.71 -3.46
C LYS B 89 -40.72 -6.34 -4.30
N ARG B 90 -39.58 -6.06 -3.65
CA ARG B 90 -38.37 -5.67 -4.37
C ARG B 90 -37.62 -6.83 -5.02
N TYR B 91 -37.79 -8.04 -4.50
CA TYR B 91 -37.10 -9.22 -5.00
C TYR B 91 -37.79 -10.09 -6.06
N ASN B 92 -39.11 -10.27 -5.95
CA ASN B 92 -39.84 -11.11 -6.91
C ASN B 92 -39.35 -11.17 -8.34
N MET B 93 -39.23 -10.02 -8.98
CA MET B 93 -38.78 -9.96 -10.37
C MET B 93 -37.38 -10.52 -10.60
N LEU B 94 -36.45 -10.14 -9.73
CA LEU B 94 -35.06 -10.57 -9.81
C LEU B 94 -34.84 -12.06 -9.59
N GLN B 95 -33.64 -12.54 -9.92
CA GLN B 95 -33.27 -13.94 -9.72
C GLN B 95 -31.75 -14.17 -9.89
N ASN B 96 -31.26 -15.33 -9.42
CA ASN B 96 -29.83 -15.66 -9.48
C ASN B 96 -28.99 -14.60 -8.76
N TYR B 97 -29.46 -14.10 -7.62
CA TYR B 97 -28.72 -13.07 -6.90
C TYR B 97 -27.94 -13.53 -5.67
N THR B 98 -27.91 -14.85 -5.43
CA THR B 98 -27.16 -15.36 -4.29
C THR B 98 -25.67 -15.31 -4.64
N ILE B 99 -24.81 -15.45 -3.64
CA ILE B 99 -23.37 -15.39 -3.87
C ILE B 99 -22.90 -16.52 -4.80
N GLU B 100 -23.65 -17.61 -4.86
CA GLU B 100 -23.28 -18.73 -5.72
C GLU B 100 -23.84 -18.53 -7.12
N ASP B 101 -25.09 -18.11 -7.22
CA ASP B 101 -25.72 -17.92 -8.52
C ASP B 101 -25.14 -16.77 -9.34
N VAL B 102 -24.62 -15.73 -8.68
CA VAL B 102 -24.03 -14.60 -9.43
C VAL B 102 -22.67 -15.04 -9.92
N ALA B 103 -22.03 -15.91 -9.13
CA ALA B 103 -20.72 -16.43 -9.47
C ALA B 103 -20.83 -17.30 -10.71
N ASN B 104 -21.87 -18.12 -10.81
CA ASN B 104 -22.01 -18.97 -11.98
C ASN B 104 -22.43 -18.10 -13.16
N LEU B 105 -23.40 -17.23 -12.91
CA LEU B 105 -23.89 -16.34 -13.94
C LEU B 105 -22.73 -15.58 -14.57
N ILE B 106 -21.85 -15.02 -13.73
CA ILE B 106 -20.69 -14.28 -14.23
C ILE B 106 -19.75 -15.18 -15.02
N HIS B 107 -19.50 -16.39 -14.52
CA HIS B 107 -18.62 -17.33 -15.18
C HIS B 107 -19.21 -17.92 -16.46
N GLN B 108 -20.52 -17.81 -16.58
CA GLN B 108 -21.23 -18.36 -17.74
C GLN B 108 -21.21 -17.38 -18.90
N LYS B 109 -21.50 -16.12 -18.61
CA LYS B 109 -21.55 -15.08 -19.63
C LYS B 109 -20.21 -14.49 -20.01
N TYR B 110 -19.20 -14.67 -19.17
CA TYR B 110 -17.88 -14.09 -19.45
C TYR B 110 -16.70 -15.01 -19.15
N GLY B 111 -16.90 -16.01 -18.30
CA GLY B 111 -15.82 -16.91 -17.95
C GLY B 111 -15.13 -16.46 -16.67
N LYS B 112 -13.89 -16.88 -16.45
CA LYS B 112 -13.15 -16.48 -15.25
C LYS B 112 -12.79 -15.02 -15.30
N ILE B 113 -13.02 -14.30 -14.20
CA ILE B 113 -12.67 -12.88 -14.11
C ILE B 113 -11.42 -12.89 -13.25
N ASN B 114 -10.80 -11.73 -13.02
CA ASN B 114 -9.59 -11.72 -12.21
C ASN B 114 -9.43 -10.54 -11.29
N MET B 115 -10.52 -10.10 -10.68
CA MET B 115 -10.52 -8.96 -9.77
C MET B 115 -11.85 -8.94 -9.03
N LEU B 116 -11.79 -9.16 -7.73
CA LEU B 116 -12.99 -9.16 -6.91
C LEU B 116 -12.96 -8.02 -5.92
N VAL B 117 -13.98 -7.17 -5.97
CA VAL B 117 -14.07 -6.05 -5.05
C VAL B 117 -15.28 -6.27 -4.15
N HIS B 118 -15.06 -6.10 -2.85
CA HIS B 118 -16.11 -6.24 -1.85
C HIS B 118 -16.25 -4.86 -1.23
N SER B 119 -17.38 -4.21 -1.50
CA SER B 119 -17.60 -2.87 -0.97
C SER B 119 -19.00 -2.75 -0.40
N LEU B 120 -19.23 -3.52 0.66
CA LEU B 120 -20.53 -3.55 1.32
C LEU B 120 -20.44 -3.84 2.80
N ALA B 121 -21.45 -3.36 3.53
CA ALA B 121 -21.55 -3.54 4.95
C ALA B 121 -22.97 -3.20 5.34
N ASN B 122 -23.41 -3.74 6.47
CA ASN B 122 -24.76 -3.50 6.96
C ASN B 122 -24.77 -3.87 8.42
N ALA B 123 -25.54 -3.15 9.20
CA ALA B 123 -25.65 -3.43 10.63
C ALA B 123 -26.91 -2.74 11.09
N LYS B 124 -27.98 -3.51 11.24
CA LYS B 124 -29.26 -2.99 11.67
C LYS B 124 -29.21 -2.02 12.86
N GLU B 125 -28.25 -2.23 13.76
CA GLU B 125 -28.14 -1.38 14.94
C GLU B 125 -26.91 -0.49 15.01
N VAL B 126 -26.45 -0.08 13.85
CA VAL B 126 -25.28 0.77 13.75
C VAL B 126 -25.45 1.97 14.70
N GLN B 127 -26.71 2.37 14.90
CA GLN B 127 -27.02 3.51 15.76
C GLN B 127 -26.72 3.22 17.23
N LYS B 128 -27.30 2.15 17.77
CA LYS B 128 -27.08 1.75 19.15
C LYS B 128 -25.60 1.47 19.41
N ASP B 129 -25.12 1.80 20.61
CA ASP B 129 -23.73 1.55 20.95
C ASP B 129 -23.54 0.12 21.44
N LEU B 130 -22.41 -0.48 21.04
CA LEU B 130 -22.07 -1.87 21.39
C LEU B 130 -22.80 -2.47 22.60
N LEU B 131 -22.53 -1.95 23.80
CA LEU B 131 -23.14 -2.47 25.02
C LEU B 131 -24.63 -2.77 24.84
N ASN B 132 -25.34 -1.87 24.17
CA ASN B 132 -26.77 -2.07 23.97
C ASN B 132 -27.18 -2.64 22.60
N THR B 133 -26.28 -3.36 21.94
CA THR B 133 -26.60 -3.99 20.66
C THR B 133 -27.08 -5.38 21.03
N SER B 134 -28.02 -5.91 20.29
CA SER B 134 -28.55 -7.24 20.58
C SER B 134 -27.75 -8.33 19.88
N ARG B 135 -27.87 -9.56 20.36
CA ARG B 135 -27.14 -10.65 19.76
C ARG B 135 -27.55 -10.77 18.31
N LYS B 136 -28.81 -10.44 18.06
CA LYS B 136 -29.38 -10.53 16.72
C LYS B 136 -28.73 -9.57 15.74
N GLY B 137 -28.71 -8.29 16.08
CA GLY B 137 -28.11 -7.30 15.22
C GLY B 137 -26.62 -7.53 15.04
N TYR B 138 -25.95 -7.86 16.14
CA TYR B 138 -24.51 -8.13 16.15
C TYR B 138 -24.19 -9.20 15.10
N LEU B 139 -24.78 -10.38 15.27
CA LEU B 139 -24.57 -11.48 14.35
C LEU B 139 -24.99 -11.08 12.95
N ASP B 140 -25.89 -10.11 12.85
CA ASP B 140 -26.36 -9.66 11.55
C ASP B 140 -25.32 -8.80 10.89
N ALA B 141 -24.63 -8.00 11.69
CA ALA B 141 -23.60 -7.10 11.17
C ALA B 141 -22.44 -7.94 10.58
N LEU B 142 -21.95 -8.89 11.36
CA LEU B 142 -20.85 -9.74 10.91
C LEU B 142 -21.26 -10.60 9.73
N SER B 143 -22.48 -11.12 9.78
CA SER B 143 -22.97 -11.97 8.71
C SER B 143 -22.97 -11.17 7.42
N LYS B 144 -23.33 -9.90 7.56
CA LYS B 144 -23.42 -8.97 6.43
C LYS B 144 -22.12 -8.34 5.95
N SER B 145 -21.33 -7.86 6.90
CA SER B 145 -20.08 -7.17 6.61
C SER B 145 -18.85 -8.03 6.67
N SER B 146 -18.89 -9.07 7.49
CA SER B 146 -17.74 -9.94 7.65
C SER B 146 -17.80 -11.20 6.79
N TYR B 147 -18.79 -12.04 7.09
CA TYR B 147 -18.92 -13.29 6.39
C TYR B 147 -19.03 -13.11 4.89
N SER B 148 -19.85 -12.16 4.48
CA SER B 148 -20.08 -11.87 3.08
C SER B 148 -18.82 -11.98 2.23
N LEU B 149 -17.69 -11.58 2.79
CA LEU B 149 -16.40 -11.64 2.09
C LEU B 149 -15.92 -13.07 1.95
N ILE B 150 -15.83 -13.77 3.07
CA ILE B 150 -15.38 -15.15 3.10
C ILE B 150 -16.15 -16.00 2.09
N SER B 151 -17.47 -15.84 2.05
CA SER B 151 -18.29 -16.60 1.13
C SER B 151 -18.11 -16.15 -0.32
N LEU B 152 -17.84 -14.87 -0.55
CA LEU B 152 -17.60 -14.37 -1.92
C LEU B 152 -16.35 -15.06 -2.42
N CYS B 153 -15.38 -15.16 -1.52
CA CYS B 153 -14.09 -15.77 -1.77
C CYS B 153 -14.16 -17.23 -2.11
N LYS B 154 -14.92 -17.98 -1.33
CA LYS B 154 -15.03 -19.41 -1.58
C LYS B 154 -15.60 -19.67 -2.97
N TYR B 155 -16.81 -19.17 -3.21
CA TYR B 155 -17.50 -19.34 -4.48
C TYR B 155 -16.90 -18.64 -5.71
N PHE B 156 -16.29 -17.48 -5.50
CA PHE B 156 -15.73 -16.73 -6.63
C PHE B 156 -14.32 -17.14 -7.01
N VAL B 157 -13.63 -17.82 -6.10
CA VAL B 157 -12.27 -18.24 -6.34
C VAL B 157 -12.20 -19.30 -7.45
N ASN B 158 -13.35 -19.82 -7.84
CA ASN B 158 -13.41 -20.84 -8.90
C ASN B 158 -13.65 -20.25 -10.28
N ILE B 159 -13.74 -18.93 -10.35
CA ILE B 159 -13.95 -18.27 -11.62
C ILE B 159 -12.90 -17.18 -11.72
N MET B 160 -11.84 -17.33 -10.93
CA MET B 160 -10.76 -16.36 -10.92
C MET B 160 -9.41 -16.99 -11.30
N LYS B 161 -8.81 -16.46 -12.36
CA LYS B 161 -7.52 -16.96 -12.85
C LYS B 161 -6.47 -16.76 -11.77
N PRO B 162 -5.39 -17.56 -11.80
CA PRO B 162 -4.35 -17.39 -10.78
C PRO B 162 -3.82 -15.97 -10.84
N GLN B 163 -3.25 -15.49 -9.73
CA GLN B 163 -2.71 -14.13 -9.64
C GLN B 163 -3.78 -13.04 -9.66
N SER B 164 -5.05 -13.43 -9.65
CA SER B 164 -6.10 -12.44 -9.64
C SER B 164 -6.14 -11.88 -8.22
N SER B 165 -6.66 -10.68 -8.06
CA SER B 165 -6.69 -10.00 -6.75
C SER B 165 -8.07 -9.65 -6.19
N ILE B 166 -8.17 -9.68 -4.86
CA ILE B 166 -9.43 -9.36 -4.18
C ILE B 166 -9.16 -8.27 -3.13
N ILE B 167 -10.19 -7.48 -2.82
CA ILE B 167 -10.08 -6.43 -1.81
C ILE B 167 -11.42 -6.06 -1.20
N SER B 168 -11.36 -5.42 -0.03
CA SER B 168 -12.54 -4.97 0.70
C SER B 168 -12.23 -3.67 1.44
N LEU B 169 -13.27 -3.03 1.97
CA LEU B 169 -13.16 -1.76 2.70
C LEU B 169 -13.36 -1.95 4.20
N THR B 170 -12.62 -1.19 5.01
CA THR B 170 -12.74 -1.29 6.46
C THR B 170 -12.57 0.09 7.10
N TYR B 171 -12.80 0.19 8.40
CA TYR B 171 -12.64 1.46 9.09
C TYR B 171 -11.86 1.28 10.39
N HIS B 172 -10.92 2.20 10.61
CA HIS B 172 -10.06 2.23 11.78
C HIS B 172 -10.76 1.99 13.11
N ALA B 173 -12.06 2.25 13.17
CA ALA B 173 -12.79 2.08 14.42
C ALA B 173 -12.68 0.67 14.99
N SER B 174 -12.05 -0.24 14.23
CA SER B 174 -11.87 -1.60 14.69
C SER B 174 -10.61 -1.67 15.53
N GLN B 175 -9.60 -0.89 15.15
CA GLN B 175 -8.34 -0.87 15.87
C GLN B 175 -8.34 0.18 16.98
N LYS B 176 -9.11 1.25 16.78
CA LYS B 176 -9.23 2.34 17.75
C LYS B 176 -10.68 2.70 17.91
N VAL B 177 -11.14 2.85 19.14
CA VAL B 177 -12.54 3.15 19.34
C VAL B 177 -13.00 4.57 18.99
N VAL B 178 -14.00 4.62 18.11
CA VAL B 178 -14.61 5.88 17.68
C VAL B 178 -16.05 5.77 18.14
N PRO B 179 -16.39 6.45 19.25
CA PRO B 179 -17.78 6.39 19.75
C PRO B 179 -18.76 6.65 18.61
N GLY B 180 -19.89 5.95 18.62
CA GLY B 180 -20.86 6.15 17.57
C GLY B 180 -20.85 5.12 16.44
N TYR B 181 -19.76 4.37 16.31
CA TYR B 181 -19.69 3.34 15.28
C TYR B 181 -20.10 2.07 16.01
N GLY B 182 -21.41 1.84 16.10
CA GLY B 182 -21.89 0.68 16.82
C GLY B 182 -22.68 -0.36 16.05
N GLY B 183 -23.51 -1.10 16.77
CA GLY B 183 -24.32 -2.13 16.17
C GLY B 183 -23.51 -3.34 15.77
N GLY B 184 -22.26 -3.40 16.26
CA GLY B 184 -21.40 -4.52 15.94
C GLY B 184 -20.49 -4.25 14.76
N MET B 185 -20.53 -3.02 14.24
CA MET B 185 -19.69 -2.65 13.10
C MET B 185 -18.19 -2.73 13.38
N SER B 186 -17.75 -2.16 14.50
CA SER B 186 -16.36 -2.18 14.89
C SER B 186 -15.92 -3.65 14.93
N SER B 187 -16.76 -4.46 15.58
CA SER B 187 -16.51 -5.88 15.69
C SER B 187 -16.36 -6.50 14.30
N ALA B 188 -17.29 -6.16 13.41
CA ALA B 188 -17.27 -6.69 12.05
C ALA B 188 -15.99 -6.38 11.29
N LYS B 189 -15.56 -5.12 11.36
CA LYS B 189 -14.34 -4.70 10.68
C LYS B 189 -13.12 -5.33 11.34
N ALA B 190 -13.23 -5.66 12.62
CA ALA B 190 -12.14 -6.30 13.34
C ALA B 190 -11.97 -7.73 12.80
N ALA B 191 -13.09 -8.34 12.40
CA ALA B 191 -13.08 -9.68 11.85
C ALA B 191 -12.61 -9.66 10.41
N LEU B 192 -13.16 -8.76 9.61
CA LEU B 192 -12.78 -8.65 8.21
C LEU B 192 -11.24 -8.55 8.03
N GLU B 193 -10.57 -7.79 8.89
CA GLU B 193 -9.12 -7.62 8.78
C GLU B 193 -8.33 -8.83 9.22
N SER B 194 -8.85 -9.54 10.21
CA SER B 194 -8.21 -10.73 10.70
C SER B 194 -8.46 -11.76 9.60
N ASP B 195 -9.72 -11.84 9.17
CA ASP B 195 -10.10 -12.77 8.13
C ASP B 195 -9.31 -12.47 6.86
N THR B 196 -8.96 -11.20 6.65
CA THR B 196 -8.19 -10.87 5.47
C THR B 196 -6.85 -11.56 5.58
N ARG B 197 -6.34 -11.69 6.81
CA ARG B 197 -5.07 -12.37 7.03
C ARG B 197 -5.23 -13.87 6.74
N VAL B 198 -6.10 -14.54 7.50
CA VAL B 198 -6.33 -15.98 7.29
C VAL B 198 -6.60 -16.28 5.80
N LEU B 199 -7.56 -15.59 5.18
CA LEU B 199 -7.86 -15.80 3.77
C LEU B 199 -6.66 -15.58 2.83
N ALA B 200 -5.86 -14.55 3.09
CA ALA B 200 -4.69 -14.24 2.26
C ALA B 200 -3.70 -15.40 2.29
N TYR B 201 -3.80 -16.21 3.34
CA TYR B 201 -2.95 -17.37 3.52
C TYR B 201 -3.44 -18.55 2.69
N HIS B 202 -4.67 -18.97 2.95
CA HIS B 202 -5.26 -20.08 2.22
C HIS B 202 -5.36 -19.81 0.73
N LEU B 203 -5.75 -18.59 0.38
CA LEU B 203 -5.88 -18.20 -1.02
C LEU B 203 -4.53 -18.16 -1.71
N GLY B 204 -3.52 -17.70 -0.96
CA GLY B 204 -2.18 -17.61 -1.51
C GLY B 204 -1.71 -19.01 -1.83
N ARG B 205 -1.31 -19.74 -0.80
CA ARG B 205 -0.82 -21.11 -0.96
C ARG B 205 -1.58 -21.97 -1.96
N ASN B 206 -2.90 -21.89 -1.92
CA ASN B 206 -3.75 -22.68 -2.80
C ASN B 206 -4.00 -22.18 -4.20
N TYR B 207 -4.52 -20.97 -4.32
CA TYR B 207 -4.86 -20.44 -5.64
C TYR B 207 -3.95 -19.36 -6.20
N ASN B 208 -2.91 -18.99 -5.47
CA ASN B 208 -2.01 -17.94 -5.94
C ASN B 208 -2.82 -16.64 -6.10
N ILE B 209 -3.88 -16.50 -5.29
CA ILE B 209 -4.74 -15.33 -5.32
C ILE B 209 -4.47 -14.47 -4.11
N ARG B 210 -4.38 -13.17 -4.33
CA ARG B 210 -4.11 -12.26 -3.24
C ARG B 210 -5.38 -11.59 -2.73
N ILE B 211 -5.39 -11.22 -1.47
CA ILE B 211 -6.53 -10.51 -0.89
C ILE B 211 -6.02 -9.48 0.12
N ASN B 212 -6.55 -8.26 0.03
CA ASN B 212 -6.16 -7.19 0.94
C ASN B 212 -7.42 -6.40 1.33
N THR B 213 -7.25 -5.37 2.15
CA THR B 213 -8.39 -4.57 2.58
C THR B 213 -7.94 -3.13 2.77
N ILE B 214 -8.73 -2.18 2.28
CA ILE B 214 -8.40 -0.77 2.41
C ILE B 214 -9.17 -0.13 3.55
N SER B 215 -8.43 0.54 4.43
CA SER B 215 -9.01 1.23 5.57
C SER B 215 -9.14 2.70 5.15
N ALA B 216 -10.30 3.05 4.61
CA ALA B 216 -10.61 4.40 4.11
C ALA B 216 -11.01 5.41 5.16
N GLY B 217 -10.72 6.67 4.89
CA GLY B 217 -11.09 7.75 5.80
C GLY B 217 -12.58 8.01 5.62
N PRO B 218 -13.11 9.15 6.08
CA PRO B 218 -14.55 9.37 5.88
C PRO B 218 -15.00 9.98 4.54
N LEU B 219 -16.10 9.45 4.02
CA LEU B 219 -16.70 9.87 2.76
C LEU B 219 -18.21 9.91 2.99
N LYS B 220 -18.90 10.95 2.51
CA LYS B 220 -20.35 11.01 2.74
C LYS B 220 -21.10 10.10 1.78
N SER B 221 -21.32 8.86 2.21
CA SER B 221 -22.04 7.89 1.40
C SER B 221 -23.45 7.68 1.92
N ARG B 222 -24.29 7.06 1.10
CA ARG B 222 -25.66 6.79 1.47
C ARG B 222 -25.59 6.20 2.87
N ALA B 223 -24.81 5.13 2.98
CA ALA B 223 -24.61 4.39 4.22
C ALA B 223 -24.06 5.17 5.41
N ALA B 224 -23.22 6.18 5.15
CA ALA B 224 -22.61 6.97 6.23
C ALA B 224 -23.60 7.90 6.94
N THR B 225 -24.68 8.25 6.24
CA THR B 225 -25.67 9.13 6.83
C THR B 225 -26.60 8.26 7.67
N ALA B 226 -26.76 7.01 7.25
CA ALA B 226 -27.59 6.05 7.98
C ALA B 226 -27.14 6.11 9.43
N ILE B 227 -25.83 6.24 9.62
CA ILE B 227 -25.25 6.34 10.96
C ILE B 227 -25.76 7.64 11.56
N ASN B 228 -26.58 7.51 12.59
CA ASN B 228 -27.13 8.68 13.26
C ASN B 228 -26.52 8.88 14.64
N LYS B 229 -25.78 9.98 14.78
CA LYS B 229 -25.15 10.33 16.05
C LYS B 229 -25.02 11.84 16.11
N TYR B 270 -24.96 17.61 12.91
CA TYR B 270 -24.36 17.24 11.59
C TYR B 270 -24.03 15.75 11.47
N THR B 271 -24.87 14.89 12.06
CA THR B 271 -24.66 13.45 12.01
C THR B 271 -23.25 13.02 12.41
N PHE B 272 -22.97 11.73 12.22
CA PHE B 272 -21.67 11.17 12.54
C PHE B 272 -20.69 11.42 11.42
N ILE B 273 -21.11 11.15 10.19
CA ILE B 273 -20.25 11.32 9.04
C ILE B 273 -19.73 12.75 8.81
N ASP B 274 -20.52 13.75 9.17
CA ASP B 274 -20.09 15.13 8.98
C ASP B 274 -19.08 15.58 10.05
N TYR B 275 -19.14 14.96 11.22
CA TYR B 275 -18.19 15.28 12.28
C TYR B 275 -16.86 14.65 11.89
N ALA B 276 -16.93 13.43 11.38
CA ALA B 276 -15.77 12.67 10.93
C ALA B 276 -15.00 13.35 9.79
N ILE B 277 -15.74 13.85 8.80
CA ILE B 277 -15.15 14.53 7.64
C ILE B 277 -14.46 15.82 8.07
N GLU B 278 -15.09 16.50 9.03
CA GLU B 278 -14.62 17.77 9.58
C GLU B 278 -13.41 17.57 10.47
N TYR B 279 -13.48 16.57 11.35
CA TYR B 279 -12.35 16.31 12.22
C TYR B 279 -11.17 15.91 11.36
N SER B 280 -11.40 15.02 10.41
CA SER B 280 -10.36 14.55 9.51
C SER B 280 -9.68 15.65 8.71
N GLU B 281 -10.48 16.43 7.95
CA GLU B 281 -9.92 17.51 7.14
C GLU B 281 -9.15 18.57 7.92
N LYS B 282 -9.29 18.56 9.25
CA LYS B 282 -8.58 19.52 10.10
C LYS B 282 -7.40 18.92 10.87
N TYR B 283 -7.36 17.60 11.02
CA TYR B 283 -6.27 16.99 11.76
C TYR B 283 -5.38 15.99 11.04
N ALA B 284 -5.78 15.52 9.87
CA ALA B 284 -4.93 14.58 9.15
C ALA B 284 -3.74 15.31 8.56
N PRO B 285 -2.59 14.63 8.48
CA PRO B 285 -1.35 15.20 7.93
C PRO B 285 -1.65 15.91 6.61
N LEU B 286 -2.39 15.23 5.74
CA LEU B 286 -2.78 15.80 4.45
C LEU B 286 -4.14 16.47 4.61
N ARG B 287 -4.14 17.79 4.46
CA ARG B 287 -5.36 18.55 4.62
C ARG B 287 -6.02 18.89 3.30
N GLN B 288 -6.59 17.87 2.69
CA GLN B 288 -7.28 17.99 1.42
C GLN B 288 -8.49 17.09 1.54
N LYS B 289 -9.59 17.43 0.89
CA LYS B 289 -10.79 16.59 0.97
C LYS B 289 -10.50 15.22 0.42
N LEU B 290 -10.84 14.19 1.19
CA LEU B 290 -10.61 12.80 0.80
C LEU B 290 -11.65 12.34 -0.19
N LEU B 291 -11.22 12.22 -1.45
CA LEU B 291 -12.12 11.81 -2.50
C LEU B 291 -12.33 10.30 -2.47
N SER B 292 -13.39 9.83 -3.12
CA SER B 292 -13.65 8.39 -3.14
C SER B 292 -12.70 7.77 -4.16
N THR B 293 -12.41 8.50 -5.23
CA THR B 293 -11.51 8.04 -6.28
C THR B 293 -10.10 7.80 -5.76
N ASP B 294 -9.72 8.47 -4.67
CA ASP B 294 -8.40 8.28 -4.06
C ASP B 294 -8.31 6.86 -3.51
N ILE B 295 -9.37 6.41 -2.86
CA ILE B 295 -9.40 5.04 -2.35
C ILE B 295 -9.47 4.16 -3.61
N GLY B 296 -10.10 4.70 -4.65
CA GLY B 296 -10.26 4.01 -5.90
C GLY B 296 -8.95 3.70 -6.59
N SER B 297 -8.09 4.71 -6.75
CA SER B 297 -6.83 4.48 -7.41
C SER B 297 -5.94 3.55 -6.58
N VAL B 298 -6.26 3.40 -5.30
CA VAL B 298 -5.47 2.52 -4.45
C VAL B 298 -6.02 1.09 -4.58
N ALA B 299 -7.33 0.97 -4.77
CA ALA B 299 -7.92 -0.35 -4.94
C ALA B 299 -7.41 -0.87 -6.28
N SER B 300 -7.32 0.01 -7.25
CA SER B 300 -6.82 -0.36 -8.57
C SER B 300 -5.39 -0.92 -8.52
N PHE B 301 -4.53 -0.27 -7.72
CA PHE B 301 -3.14 -0.70 -7.57
C PHE B 301 -3.11 -2.09 -6.94
N LEU B 302 -3.84 -2.26 -5.85
CA LEU B 302 -3.87 -3.54 -5.17
C LEU B 302 -4.39 -4.62 -6.10
N LEU B 303 -5.45 -4.30 -6.83
CA LEU B 303 -6.07 -5.23 -7.76
C LEU B 303 -5.21 -5.65 -8.96
N SER B 304 -4.09 -4.98 -9.17
CA SER B 304 -3.22 -5.31 -10.30
C SER B 304 -1.92 -6.02 -9.93
N ARG B 305 -1.16 -6.36 -10.94
CA ARG B 305 0.11 -7.06 -10.74
C ARG B 305 1.09 -6.22 -9.96
N GLU B 306 0.97 -4.89 -10.10
CA GLU B 306 1.87 -4.00 -9.39
C GLU B 306 2.11 -4.44 -7.94
N SER B 307 1.05 -4.90 -7.28
CA SER B 307 1.13 -5.33 -5.89
C SER B 307 1.27 -6.83 -5.68
N ARG B 308 1.70 -7.56 -6.71
CA ARG B 308 1.82 -9.01 -6.61
C ARG B 308 2.52 -9.54 -5.35
N ALA B 309 3.25 -8.67 -4.64
CA ALA B 309 3.96 -9.09 -3.43
C ALA B 309 3.31 -8.66 -2.11
N ILE B 310 2.04 -8.27 -2.17
CA ILE B 310 1.32 -7.83 -0.98
C ILE B 310 0.02 -8.62 -0.81
N THR B 311 -0.19 -9.16 0.39
CA THR B 311 -1.41 -9.91 0.66
C THR B 311 -1.66 -9.89 2.16
N GLY B 312 -2.93 -10.06 2.56
CA GLY B 312 -3.26 -10.08 3.98
C GLY B 312 -3.05 -8.77 4.71
N GLN B 313 -2.91 -7.69 3.96
CA GLN B 313 -2.67 -6.37 4.53
C GLN B 313 -3.85 -5.40 4.63
N THR B 314 -3.80 -4.55 5.65
CA THR B 314 -4.81 -3.54 5.85
C THR B 314 -4.10 -2.24 5.46
N ILE B 315 -4.27 -1.80 4.23
CA ILE B 315 -3.63 -0.57 3.77
C ILE B 315 -4.49 0.66 4.04
N TYR B 316 -3.98 1.61 4.81
CA TYR B 316 -4.73 2.82 5.10
C TYR B 316 -4.66 3.86 3.99
N VAL B 317 -5.84 4.29 3.53
CA VAL B 317 -5.97 5.33 2.52
C VAL B 317 -6.88 6.34 3.25
N ASP B 318 -6.28 7.31 3.92
CA ASP B 318 -7.07 8.24 4.73
C ASP B 318 -6.38 9.55 5.06
N ASN B 319 -5.47 10.00 4.21
CA ASN B 319 -4.74 11.25 4.44
C ASN B 319 -3.93 11.22 5.73
N GLY B 320 -3.62 10.02 6.21
CA GLY B 320 -2.82 9.87 7.43
C GLY B 320 -3.46 10.01 8.80
N LEU B 321 -4.78 10.11 8.91
CA LEU B 321 -5.41 10.28 10.22
C LEU B 321 -4.95 9.25 11.27
N ASN B 322 -4.97 7.98 10.90
CA ASN B 322 -4.58 6.90 11.80
C ASN B 322 -3.25 7.04 12.51
N ILE B 323 -2.35 7.91 12.06
CA ILE B 323 -1.06 7.99 12.74
C ILE B 323 -1.06 8.98 13.88
N MET B 324 -2.17 9.68 14.04
CA MET B 324 -2.29 10.68 15.09
C MET B 324 -2.80 10.14 16.42
N PHE B 325 -2.27 10.67 17.53
CA PHE B 325 -2.72 10.29 18.87
C PHE B 325 -3.43 11.52 19.39
N LEU B 326 -2.68 12.54 19.79
CA LEU B 326 -3.28 13.78 20.28
C LEU B 326 -3.45 14.73 19.11
N PRO B 327 -4.30 15.76 19.28
CA PRO B 327 -4.55 16.75 18.22
C PRO B 327 -3.62 17.97 18.26
N ASP B 328 -3.74 18.83 17.26
CA ASP B 328 -2.94 20.04 17.15
C ASP B 328 -3.44 21.10 18.12
N ASP B 329 -4.74 21.40 18.00
CA ASP B 329 -5.40 22.41 18.83
C ASP B 329 -5.09 22.19 20.30
#